data_4UYI
#
_entry.id   4UYI
#
_cell.length_a   142.490
_cell.length_b   142.490
_cell.length_c   50.930
_cell.angle_alpha   90.00
_cell.angle_beta   90.00
_cell.angle_gamma   120.00
#
_symmetry.space_group_name_H-M   'H 3 2'
#
loop_
_entity.id
_entity.type
_entity.pdbx_description
1 polymer 'STRUCTURE-SPECIFIC ENDONUCLEASE SUBUNIT SLX4'
2 water water
#
_entity_poly.entity_id   1
_entity_poly.type   'polypeptide(L)'
_entity_poly.pdbx_seq_one_letter_code
;MHHHHHHSSGVDLGTENLYFQSMGRTLLSLGLLVADFGAMVNNPHLSDVQFQTDSGEVLYAHKFVLYARCPLLIQYVNNE
GFSAIEDGVETQRVLLGDVSTEAARTFLHYLYTADTGLPPGLSSELSSLAHRFGVSELVHLCEQVPIATDSE
;
_entity_poly.pdbx_strand_id   A
#
# COMPACT_ATOMS: atom_id res chain seq x y z
N LEU A 18 -17.68 -23.85 -21.96
CA LEU A 18 -17.97 -23.79 -20.52
C LEU A 18 -17.66 -22.40 -19.96
N TYR A 19 -18.15 -21.38 -20.65
CA TYR A 19 -17.87 -20.00 -20.26
C TYR A 19 -18.18 -19.72 -18.79
N PHE A 20 -19.36 -20.10 -18.32
CA PHE A 20 -19.74 -19.74 -16.96
C PHE A 20 -18.89 -20.46 -15.92
N GLN A 21 -18.55 -21.71 -16.15
CA GLN A 21 -17.71 -22.42 -15.20
C GLN A 21 -16.33 -21.77 -15.21
N SER A 22 -15.86 -21.47 -16.41
CA SER A 22 -14.52 -20.94 -16.59
C SER A 22 -14.37 -19.53 -16.02
N MET A 23 -15.27 -18.62 -16.36
CA MET A 23 -15.22 -17.26 -15.77
C MET A 23 -15.48 -17.31 -14.28
N GLY A 24 -16.35 -18.22 -13.84
CA GLY A 24 -16.58 -18.37 -12.42
C GLY A 24 -15.33 -18.74 -11.65
N ARG A 25 -14.63 -19.76 -12.14
CA ARG A 25 -13.36 -20.17 -11.54
C ARG A 25 -12.34 -19.02 -11.53
N THR A 26 -12.25 -18.32 -12.65
CA THR A 26 -11.37 -17.16 -12.79
C THR A 26 -11.63 -16.05 -11.76
N LEU A 27 -12.88 -15.64 -11.62
CA LEU A 27 -13.22 -14.59 -10.67
C LEU A 27 -13.01 -15.08 -9.26
N LEU A 28 -13.29 -16.35 -9.02
CA LEU A 28 -13.16 -16.86 -7.68
C LEU A 28 -11.69 -16.87 -7.24
N SER A 29 -10.85 -17.41 -8.12
CA SER A 29 -9.41 -17.42 -7.86
C SER A 29 -8.87 -16.01 -7.59
N LEU A 30 -9.28 -15.05 -8.42
CA LEU A 30 -8.80 -13.66 -8.25
C LEU A 30 -9.30 -13.07 -6.94
N GLY A 31 -10.53 -13.40 -6.56
CA GLY A 31 -11.08 -12.94 -5.31
C GLY A 31 -10.30 -13.47 -4.11
N LEU A 32 -9.88 -14.73 -4.18
CA LEU A 32 -9.08 -15.31 -3.09
C LEU A 32 -7.73 -14.59 -3.01
N LEU A 33 -7.14 -14.35 -4.16
CA LEU A 33 -5.84 -13.69 -4.23
C LEU A 33 -5.91 -12.33 -3.55
N VAL A 34 -6.93 -11.54 -3.88
CA VAL A 34 -6.99 -10.19 -3.30
C VAL A 34 -7.29 -10.20 -1.81
N ALA A 35 -8.07 -11.18 -1.36
CA ALA A 35 -8.30 -11.33 0.06
C ALA A 35 -7.01 -11.77 0.76
N ASP A 36 -6.25 -12.65 0.13
CA ASP A 36 -5.01 -13.14 0.74
C ASP A 36 -4.00 -12.01 0.90
N PHE A 37 -3.83 -11.18 -0.14
CA PHE A 37 -2.86 -10.08 -0.06
C PHE A 37 -3.39 -8.94 0.82
N GLY A 38 -4.72 -8.81 0.89
CA GLY A 38 -5.32 -7.82 1.75
C GLY A 38 -4.99 -8.08 3.21
N ALA A 39 -4.86 -9.34 3.57
CA ALA A 39 -4.57 -9.71 4.93
C ALA A 39 -3.13 -9.32 5.30
N MET A 40 -2.34 -8.91 4.33
CA MET A 40 -0.94 -8.53 4.59
C MET A 40 -0.80 -7.05 4.76
N VAL A 41 -1.89 -6.31 4.52
CA VAL A 41 -1.79 -4.84 4.68
C VAL A 41 -1.60 -4.50 6.18
N ASN A 42 -0.56 -3.73 6.44
CA ASN A 42 -0.16 -3.35 7.80
C ASN A 42 0.09 -4.54 8.68
N ASN A 43 0.57 -5.62 8.07
CA ASN A 43 0.82 -6.86 8.78
C ASN A 43 2.32 -6.94 9.05
N PRO A 44 2.71 -6.97 10.34
CA PRO A 44 4.15 -6.98 10.62
C PRO A 44 4.88 -8.26 10.23
N HIS A 45 4.13 -9.32 9.96
CA HIS A 45 4.78 -10.58 9.59
C HIS A 45 5.47 -10.46 8.22
N LEU A 46 6.75 -10.86 8.18
CA LEU A 46 7.62 -10.70 7.02
C LEU A 46 7.80 -9.24 6.54
N SER A 47 7.45 -8.26 7.37
CA SER A 47 7.62 -6.85 7.01
C SER A 47 9.10 -6.46 7.09
N ASP A 48 9.58 -5.86 6.02
CA ASP A 48 10.95 -5.44 5.89
C ASP A 48 11.02 -3.92 5.64
N VAL A 49 9.88 -3.27 5.75
CA VAL A 49 9.81 -1.81 5.59
C VAL A 49 8.60 -1.31 6.36
N GLN A 50 8.71 -0.14 6.95
CA GLN A 50 7.57 0.47 7.60
C GLN A 50 7.61 1.99 7.43
N PHE A 51 6.40 2.54 7.45
CA PHE A 51 6.19 3.95 7.27
C PHE A 51 5.75 4.59 8.59
N GLN A 52 6.45 5.66 8.97
CA GLN A 52 5.99 6.44 10.09
C GLN A 52 5.33 7.74 9.65
N THR A 53 4.10 7.89 10.10
CA THR A 53 3.31 9.06 9.78
C THR A 53 3.51 10.10 10.89
N ASP A 54 3.08 11.33 10.62
CA ASP A 54 3.28 12.44 11.54
C ASP A 54 2.58 12.24 12.87
N SER A 55 1.56 11.42 12.91
CA SER A 55 0.89 11.09 14.17
C SER A 55 1.75 10.19 15.08
N GLY A 56 2.82 9.64 14.52
CA GLY A 56 3.67 8.69 15.22
C GLY A 56 3.31 7.25 14.94
N GLU A 57 2.16 7.05 14.29
CA GLU A 57 1.71 5.71 13.98
C GLU A 57 2.63 5.10 12.92
N VAL A 58 2.92 3.81 13.08
CA VAL A 58 3.75 3.10 12.13
C VAL A 58 2.89 2.10 11.34
N LEU A 59 3.09 2.11 10.03
CA LEU A 59 2.42 1.19 9.13
C LEU A 59 3.44 0.18 8.55
N TYR A 60 3.19 -1.10 8.80
CA TYR A 60 4.06 -2.18 8.31
C TYR A 60 3.81 -2.40 6.85
N ALA A 61 4.89 -2.58 6.09
CA ALA A 61 4.72 -2.95 4.68
C ALA A 61 5.78 -3.95 4.25
N HIS A 62 5.78 -4.26 2.96
CA HIS A 62 6.59 -5.34 2.39
C HIS A 62 7.17 -4.90 1.12
N LYS A 63 8.51 -4.84 1.05
CA LYS A 63 9.18 -4.35 -0.15
C LYS A 63 8.75 -5.08 -1.41
N PHE A 64 8.46 -6.38 -1.29
CA PHE A 64 7.92 -7.16 -2.42
C PHE A 64 6.81 -6.37 -3.16
N VAL A 65 5.82 -5.91 -2.41
CA VAL A 65 4.67 -5.24 -3.02
C VAL A 65 5.06 -3.92 -3.60
N LEU A 66 5.85 -3.17 -2.83
CA LEU A 66 6.20 -1.82 -3.22
C LEU A 66 7.04 -1.79 -4.49
N TYR A 67 8.01 -2.72 -4.59
CA TYR A 67 8.84 -2.86 -5.77
C TYR A 67 7.99 -3.27 -6.99
N ALA A 68 7.11 -4.24 -6.77
CA ALA A 68 6.35 -4.80 -7.88
C ALA A 68 5.33 -3.79 -8.42
N ARG A 69 4.82 -2.93 -7.53
CA ARG A 69 3.63 -2.12 -7.83
C ARG A 69 3.92 -0.64 -7.99
N CYS A 70 5.05 -0.18 -7.48
CA CYS A 70 5.23 1.28 -7.38
C CYS A 70 6.69 1.71 -7.34
N PRO A 71 7.31 1.79 -8.52
CA PRO A 71 8.74 2.12 -8.64
C PRO A 71 9.16 3.39 -7.89
N LEU A 72 8.32 4.43 -7.91
CA LEU A 72 8.72 5.68 -7.24
C LEU A 72 8.69 5.51 -5.73
N LEU A 73 7.79 4.68 -5.23
CA LEU A 73 7.74 4.47 -3.79
C LEU A 73 8.91 3.63 -3.30
N ILE A 74 9.27 2.56 -4.01
CA ILE A 74 10.39 1.75 -3.53
C ILE A 74 11.69 2.57 -3.68
N GLN A 75 11.76 3.42 -4.70
CA GLN A 75 12.93 4.28 -4.83
C GLN A 75 13.06 5.20 -3.61
N TYR A 76 11.95 5.84 -3.21
CA TYR A 76 11.92 6.69 -2.01
C TYR A 76 12.32 5.91 -0.73
N VAL A 77 11.73 4.73 -0.55
CA VAL A 77 12.16 3.82 0.50
C VAL A 77 13.66 3.59 0.52
N ASN A 78 14.25 3.27 -0.62
CA ASN A 78 15.67 2.94 -0.67
C ASN A 78 16.55 4.18 -0.43
N ASN A 79 16.11 5.31 -0.94
CA ASN A 79 16.88 6.56 -0.82
C ASN A 79 16.73 7.27 0.51
N GLU A 80 15.52 7.28 1.07
CA GLU A 80 15.21 8.13 2.21
C GLU A 80 14.96 7.33 3.46
N GLY A 81 14.71 6.04 3.32
CA GLY A 81 14.55 5.15 4.44
C GLY A 81 15.84 4.99 5.23
N PHE A 82 15.72 4.50 6.45
CA PHE A 82 16.88 4.28 7.30
C PHE A 82 16.70 3.09 8.23
N SER A 83 17.80 2.51 8.66
CA SER A 83 17.72 1.35 9.56
C SER A 83 17.13 1.72 10.90
N ALA A 84 16.24 0.87 11.40
CA ALA A 84 15.63 1.06 12.71
C ALA A 84 15.49 -0.29 13.39
N ILE A 85 15.59 -0.30 14.72
CA ILE A 85 15.34 -1.53 15.48
C ILE A 85 14.03 -1.40 16.23
N GLU A 86 13.13 -2.34 16.00
CA GLU A 86 11.83 -2.38 16.68
C GLU A 86 11.63 -3.75 17.29
N ASP A 87 11.45 -3.77 18.61
CA ASP A 87 11.33 -5.04 19.35
C ASP A 87 12.50 -5.99 19.05
N GLY A 88 13.69 -5.40 18.92
CA GLY A 88 14.89 -6.20 18.72
C GLY A 88 15.08 -6.66 17.28
N VAL A 89 14.20 -6.23 16.37
CA VAL A 89 14.30 -6.65 14.97
C VAL A 89 14.52 -5.46 14.05
N GLU A 90 15.50 -5.61 13.15
CA GLU A 90 15.87 -4.53 12.23
C GLU A 90 14.91 -4.45 11.05
N THR A 91 14.58 -3.22 10.69
CA THR A 91 13.76 -2.93 9.52
C THR A 91 14.23 -1.62 8.86
N GLN A 92 13.63 -1.31 7.71
CA GLN A 92 13.85 -0.03 7.05
C GLN A 92 12.65 0.86 7.37
N ARG A 93 12.90 1.91 8.15
CA ARG A 93 11.84 2.88 8.48
C ARG A 93 11.91 4.03 7.52
N VAL A 94 10.73 4.53 7.15
CA VAL A 94 10.63 5.61 6.19
C VAL A 94 9.62 6.61 6.75
N LEU A 95 10.00 7.89 6.79
CA LEU A 95 9.09 8.91 7.25
C LEU A 95 8.18 9.28 6.08
N LEU A 96 6.88 9.34 6.37
CA LEU A 96 5.88 9.66 5.35
C LEU A 96 5.01 10.79 5.90
N GLY A 97 5.46 12.02 5.66
CA GLY A 97 4.88 13.17 6.35
C GLY A 97 3.68 13.76 5.63
N ASP A 98 2.99 14.67 6.32
CA ASP A 98 1.90 15.44 5.73
C ASP A 98 0.71 14.59 5.27
N VAL A 99 0.54 13.39 5.83
CA VAL A 99 -0.59 12.56 5.44
C VAL A 99 -1.14 11.82 6.63
N SER A 100 -2.46 11.70 6.68
CA SER A 100 -3.08 10.97 7.77
C SER A 100 -2.70 9.50 7.65
N THR A 101 -2.78 8.82 8.78
CA THR A 101 -2.44 7.43 8.81
C THR A 101 -3.49 6.68 7.99
N GLU A 102 -4.73 7.15 8.00
CA GLU A 102 -5.84 6.45 7.34
C GLU A 102 -5.62 6.52 5.83
N ALA A 103 -5.19 7.66 5.34
CA ALA A 103 -4.88 7.83 3.94
C ALA A 103 -3.68 6.99 3.52
N ALA A 104 -2.62 6.99 4.33
CA ALA A 104 -1.46 6.14 4.04
C ALA A 104 -1.86 4.67 4.00
N ARG A 105 -2.70 4.24 4.94
CA ARG A 105 -3.09 2.85 5.03
C ARG A 105 -3.90 2.47 3.81
N THR A 106 -4.78 3.35 3.37
CA THR A 106 -5.59 3.12 2.19
C THR A 106 -4.79 3.01 0.91
N PHE A 107 -3.76 3.86 0.78
CA PHE A 107 -2.82 3.82 -0.32
C PHE A 107 -2.11 2.46 -0.38
N LEU A 108 -1.62 2.00 0.77
CA LEU A 108 -1.01 0.66 0.80
C LEU A 108 -2.02 -0.42 0.44
N HIS A 109 -3.25 -0.28 0.94
CA HIS A 109 -4.30 -1.24 0.63
C HIS A 109 -4.48 -1.34 -0.89
N TYR A 110 -4.55 -0.19 -1.56
CA TYR A 110 -4.61 -0.20 -3.02
C TYR A 110 -3.40 -0.92 -3.69
N LEU A 111 -2.19 -0.71 -3.19
CA LEU A 111 -1.03 -1.37 -3.80
C LEU A 111 -1.13 -2.89 -3.58
N TYR A 112 -1.71 -3.30 -2.47
CA TYR A 112 -1.75 -4.73 -2.15
C TYR A 112 -2.89 -5.44 -2.81
N THR A 113 -4.00 -4.72 -3.09
CA THR A 113 -5.27 -5.40 -3.44
C THR A 113 -5.96 -4.87 -4.70
N ALA A 114 -5.51 -3.71 -5.17
CA ALA A 114 -6.12 -2.95 -6.29
C ALA A 114 -7.58 -2.57 -6.04
N ASP A 115 -8.01 -2.63 -4.79
CA ASP A 115 -9.39 -2.25 -4.40
C ASP A 115 -9.69 -0.82 -4.80
N THR A 116 -10.78 -0.61 -5.55
CA THR A 116 -11.07 0.73 -6.07
C THR A 116 -12.07 1.49 -5.18
N GLY A 117 -12.66 0.80 -4.22
CA GLY A 117 -13.59 1.41 -3.28
C GLY A 117 -12.91 2.30 -2.25
N LEU A 118 -12.51 3.49 -2.67
CA LEU A 118 -11.76 4.42 -1.82
C LEU A 118 -12.70 5.33 -1.01
N PRO A 119 -12.47 5.44 0.31
CA PRO A 119 -13.38 6.31 1.09
C PRO A 119 -13.33 7.77 0.62
N PRO A 120 -14.49 8.32 0.19
CA PRO A 120 -14.50 9.67 -0.41
C PRO A 120 -13.85 10.75 0.45
N GLY A 121 -13.90 10.59 1.77
CA GLY A 121 -13.28 11.55 2.67
C GLY A 121 -11.78 11.65 2.52
N LEU A 122 -11.17 10.67 1.86
CA LEU A 122 -9.71 10.56 1.79
C LEU A 122 -9.14 10.94 0.42
N SER A 123 -10.02 11.22 -0.53
CA SER A 123 -9.61 11.33 -1.93
C SER A 123 -8.54 12.38 -2.17
N SER A 124 -8.58 13.47 -1.42
CA SER A 124 -7.62 14.53 -1.60
C SER A 124 -6.22 14.06 -1.22
N GLU A 125 -6.12 13.45 -0.04
CA GLU A 125 -4.86 12.88 0.43
C GLU A 125 -4.35 11.79 -0.51
N LEU A 126 -5.21 10.83 -0.82
CA LEU A 126 -4.86 9.74 -1.70
C LEU A 126 -4.34 10.28 -3.01
N SER A 127 -5.04 11.28 -3.55
CA SER A 127 -4.62 11.80 -4.83
C SER A 127 -3.25 12.43 -4.71
N SER A 128 -2.98 13.00 -3.54
CA SER A 128 -1.67 13.61 -3.33
C SER A 128 -0.59 12.51 -3.27
N LEU A 129 -0.88 11.45 -2.54
CA LEU A 129 0.00 10.28 -2.48
C LEU A 129 0.19 9.67 -3.86
N ALA A 130 -0.93 9.45 -4.53
CA ALA A 130 -0.91 8.82 -5.84
C ALA A 130 -0.06 9.62 -6.78
N HIS A 131 -0.23 10.94 -6.74
CA HIS A 131 0.57 11.83 -7.56
C HIS A 131 2.05 11.75 -7.22
N ARG A 132 2.37 11.81 -5.93
CA ARG A 132 3.77 11.85 -5.52
C ARG A 132 4.51 10.59 -5.98
N PHE A 133 3.82 9.45 -5.97
CA PHE A 133 4.47 8.19 -6.28
C PHE A 133 4.04 7.56 -7.60
N GLY A 134 3.39 8.35 -8.45
CA GLY A 134 3.17 7.96 -9.83
C GLY A 134 2.14 6.87 -10.06
N VAL A 135 1.15 6.78 -9.19
CA VAL A 135 0.14 5.74 -9.31
C VAL A 135 -1.06 6.29 -10.11
N SER A 136 -0.83 6.44 -11.42
CA SER A 136 -1.75 7.12 -12.34
C SER A 136 -3.18 6.68 -12.15
N GLU A 137 -3.33 5.36 -12.05
CA GLU A 137 -4.64 4.78 -11.99
C GLU A 137 -5.38 5.25 -10.74
N LEU A 138 -4.64 5.53 -9.68
CA LEU A 138 -5.27 5.93 -8.42
C LEU A 138 -5.64 7.42 -8.48
N VAL A 139 -4.84 8.21 -9.19
CA VAL A 139 -5.19 9.59 -9.45
C VAL A 139 -6.57 9.63 -10.10
N HIS A 140 -6.76 8.81 -11.14
CA HIS A 140 -8.02 8.78 -11.87
C HIS A 140 -9.17 8.38 -10.96
N LEU A 141 -8.97 7.35 -10.13
CA LEU A 141 -10.00 6.98 -9.18
C LEU A 141 -10.42 8.15 -8.30
N CYS A 142 -9.45 8.99 -7.95
CA CYS A 142 -9.69 10.06 -6.98
C CYS A 142 -10.40 11.26 -7.64
N GLU A 143 -10.02 11.58 -8.89
CA GLU A 143 -10.66 12.64 -9.65
C GLU A 143 -12.14 12.30 -9.92
N GLN A 144 -12.38 11.09 -10.41
CA GLN A 144 -13.73 10.56 -10.54
C GLN A 144 -14.38 10.30 -9.18
#